data_2E7F
#
_entry.id   2E7F
#
_cell.length_a   50.159
_cell.length_b   78.547
_cell.length_c   135.617
_cell.angle_alpha   90.00
_cell.angle_beta   90.00
_cell.angle_gamma   90.00
#
_symmetry.space_group_name_H-M   'P 21 21 21'
#
loop_
_entity.id
_entity.type
_entity.pdbx_description
1 polymer '5-methyltetrahydrofolate corrinoid/iron sulfur protein methyltransferase'
2 non-polymer 'CALCIUM ION'
3 non-polymer '5-METHYL-5,6,7,8-TETRAHYDROFOLIC ACID'
4 water water
#
_entity_poly.entity_id   1
_entity_poly.type   'polypeptide(L)'
_entity_poly.pdbx_seq_one_letter_code
;MLIIGERINGMFGDIKRAIQERDPAPVQEWARRQEEGGARALDLNVGPAVQDKVSAMEWLVEVTQEVSNLTLCLDSTNIK
AIEAGLKKCKNRAMINSTNAEREKVEKLFPLAVEHGAALIGLTMNKTGIPKDSDTRLAFAMELVAAADEFGLPMEDLYID
PLILPANVAQDHAPEVLKTLQQIKMLADPAPKTVLGLSNVSQNCQNRPLINRTFLAMAMACGLDAAIADACDEALIETAA
TAEILLNQTVYCDSFVKMFKTR
;
_entity_poly.pdbx_strand_id   A,B
#
loop_
_chem_comp.id
_chem_comp.type
_chem_comp.name
_chem_comp.formula
C2F non-polymer '5-METHYL-5,6,7,8-TETRAHYDROFOLIC ACID' 'C20 H25 N7 O6'
CA non-polymer 'CALCIUM ION' 'Ca 2'
#
# COMPACT_ATOMS: atom_id res chain seq x y z
N MET A 1 -12.74 -3.44 3.55
CA MET A 1 -12.00 -4.70 3.24
C MET A 1 -12.65 -5.91 3.90
N LEU A 2 -13.03 -6.88 3.08
CA LEU A 2 -13.63 -8.11 3.55
C LEU A 2 -12.55 -9.17 3.64
N ILE A 3 -12.28 -9.66 4.85
CA ILE A 3 -11.27 -10.69 5.04
C ILE A 3 -11.96 -12.05 5.06
N ILE A 4 -11.57 -12.91 4.14
CA ILE A 4 -12.12 -14.25 4.02
C ILE A 4 -11.10 -15.23 4.62
N GLY A 5 -11.41 -15.79 5.79
CA GLY A 5 -10.50 -16.73 6.42
C GLY A 5 -10.04 -17.84 5.48
N GLU A 6 -8.73 -18.02 5.38
CA GLU A 6 -8.15 -19.03 4.49
C GLU A 6 -7.87 -20.39 5.12
N ARG A 7 -7.80 -20.44 6.44
CA ARG A 7 -7.42 -21.66 7.18
C ARG A 7 -8.20 -22.96 7.03
N ILE A 8 -9.51 -22.93 6.79
CA ILE A 8 -10.25 -24.18 6.65
C ILE A 8 -10.04 -24.70 5.24
N ASN A 9 -8.83 -25.17 4.98
CA ASN A 9 -8.43 -25.67 3.68
C ASN A 9 -7.78 -27.05 3.84
N GLY A 10 -8.21 -27.99 3.01
CA GLY A 10 -7.70 -29.35 3.06
C GLY A 10 -6.20 -29.52 2.88
N MET A 11 -5.51 -28.50 2.38
CA MET A 11 -4.06 -28.58 2.20
C MET A 11 -3.34 -28.61 3.55
N PHE A 12 -4.01 -28.09 4.58
CA PHE A 12 -3.44 -28.08 5.93
C PHE A 12 -3.63 -29.46 6.56
N GLY A 13 -2.58 -29.98 7.17
CA GLY A 13 -2.63 -31.30 7.79
C GLY A 13 -3.82 -31.56 8.72
N ASP A 14 -4.08 -30.65 9.66
CA ASP A 14 -5.17 -30.85 10.60
C ASP A 14 -6.56 -30.87 9.95
N ILE A 15 -6.73 -30.10 8.88
CA ILE A 15 -8.01 -30.06 8.18
C ILE A 15 -8.18 -31.34 7.35
N LYS A 16 -7.10 -31.76 6.69
CA LYS A 16 -7.14 -32.95 5.88
C LYS A 16 -7.58 -34.15 6.74
N ARG A 17 -7.08 -34.20 7.97
CA ARG A 17 -7.42 -35.27 8.89
C ARG A 17 -8.85 -35.15 9.40
N ALA A 18 -9.25 -33.93 9.74
CA ALA A 18 -10.60 -33.66 10.22
C ALA A 18 -11.61 -34.16 9.21
N ILE A 19 -11.40 -33.77 7.95
CA ILE A 19 -12.29 -34.18 6.87
C ILE A 19 -12.33 -35.68 6.68
N GLN A 20 -11.16 -36.31 6.64
CA GLN A 20 -11.08 -37.76 6.46
C GLN A 20 -11.77 -38.54 7.59
N GLU A 21 -11.47 -38.17 8.83
CA GLU A 21 -12.06 -38.84 9.98
C GLU A 21 -13.38 -38.22 10.40
N ARG A 22 -13.80 -37.18 9.69
CA ARG A 22 -15.06 -36.49 9.97
C ARG A 22 -15.14 -35.93 11.39
N ASP A 23 -14.01 -35.38 11.86
CA ASP A 23 -13.90 -34.79 13.19
C ASP A 23 -14.19 -33.28 13.06
N PRO A 24 -15.35 -32.82 13.55
CA PRO A 24 -15.80 -31.42 13.50
C PRO A 24 -14.97 -30.42 14.29
N ALA A 25 -14.46 -30.88 15.44
CA ALA A 25 -13.68 -30.04 16.35
C ALA A 25 -12.65 -29.09 15.73
N PRO A 26 -11.65 -29.63 15.00
CA PRO A 26 -10.61 -28.81 14.38
C PRO A 26 -11.16 -27.72 13.47
N VAL A 27 -12.18 -28.08 12.68
CA VAL A 27 -12.83 -27.16 11.76
C VAL A 27 -13.59 -26.06 12.48
N GLN A 28 -14.43 -26.46 13.44
CA GLN A 28 -15.23 -25.49 14.19
C GLN A 28 -14.37 -24.52 15.01
N GLU A 29 -13.22 -25.01 15.49
CA GLU A 29 -12.32 -24.16 16.26
C GLU A 29 -11.68 -23.11 15.34
N TRP A 30 -11.28 -23.51 14.13
CA TRP A 30 -10.68 -22.57 13.20
C TRP A 30 -11.71 -21.56 12.72
N ALA A 31 -12.97 -21.98 12.64
CA ALA A 31 -14.03 -21.09 12.23
C ALA A 31 -14.16 -20.00 13.29
N ARG A 32 -14.14 -20.42 14.55
CA ARG A 32 -14.24 -19.49 15.68
C ARG A 32 -13.04 -18.53 15.74
N ARG A 33 -11.84 -19.10 15.73
CA ARG A 33 -10.63 -18.28 15.79
C ARG A 33 -10.56 -17.25 14.66
N GLN A 34 -10.91 -17.66 13.45
CA GLN A 34 -10.85 -16.75 12.31
C GLN A 34 -11.86 -15.61 12.46
N GLU A 35 -13.03 -15.92 12.98
CA GLU A 35 -14.04 -14.89 13.17
C GLU A 35 -13.60 -13.93 14.25
N GLU A 36 -13.01 -14.48 15.31
CA GLU A 36 -12.52 -13.66 16.41
C GLU A 36 -11.47 -12.69 15.90
N GLY A 37 -10.71 -13.13 14.89
CA GLY A 37 -9.64 -12.32 14.33
C GLY A 37 -10.12 -11.15 13.48
N GLY A 38 -11.33 -11.25 12.93
CA GLY A 38 -11.85 -10.18 12.12
C GLY A 38 -12.39 -10.61 10.76
N ALA A 39 -12.37 -11.92 10.51
CA ALA A 39 -12.89 -12.44 9.25
C ALA A 39 -14.41 -12.34 9.24
N ARG A 40 -14.97 -12.00 8.08
CA ARG A 40 -16.42 -11.90 7.95
C ARG A 40 -16.93 -12.91 6.93
N ALA A 41 -16.01 -13.77 6.48
CA ALA A 41 -16.32 -14.84 5.53
C ALA A 41 -15.29 -15.94 5.76
N LEU A 42 -15.65 -17.17 5.43
CA LEU A 42 -14.74 -18.30 5.60
C LEU A 42 -14.62 -19.11 4.33
N ASP A 43 -13.38 -19.32 3.89
CA ASP A 43 -13.12 -20.11 2.70
C ASP A 43 -13.17 -21.57 3.13
N LEU A 44 -13.85 -22.41 2.35
CA LEU A 44 -13.96 -23.82 2.68
C LEU A 44 -13.47 -24.66 1.49
N ASN A 45 -12.28 -25.22 1.62
CA ASN A 45 -11.65 -26.02 0.57
C ASN A 45 -11.41 -27.43 1.13
N VAL A 46 -11.93 -28.46 0.47
CA VAL A 46 -11.74 -29.81 0.99
C VAL A 46 -10.36 -30.41 0.73
N GLY A 47 -9.62 -29.82 -0.19
CA GLY A 47 -8.30 -30.35 -0.50
C GLY A 47 -8.36 -31.45 -1.53
N PRO A 48 -7.21 -31.85 -2.11
CA PRO A 48 -7.20 -32.90 -3.12
C PRO A 48 -7.08 -34.33 -2.59
N ALA A 49 -6.82 -34.49 -1.29
CA ALA A 49 -6.64 -35.81 -0.71
C ALA A 49 -7.90 -36.66 -0.49
N VAL A 50 -8.97 -36.06 0.02
CA VAL A 50 -10.19 -36.82 0.27
C VAL A 50 -10.81 -37.37 -1.02
N GLN A 51 -11.39 -38.57 -0.94
CA GLN A 51 -11.98 -39.19 -2.12
C GLN A 51 -13.27 -38.54 -2.59
N ASP A 52 -14.29 -38.55 -1.74
CA ASP A 52 -15.57 -37.95 -2.10
C ASP A 52 -15.56 -36.49 -1.71
N LYS A 53 -15.17 -35.65 -2.65
CA LYS A 53 -15.07 -34.21 -2.43
C LYS A 53 -16.44 -33.54 -2.35
N VAL A 54 -17.44 -34.14 -3.00
CA VAL A 54 -18.78 -33.58 -2.98
C VAL A 54 -19.33 -33.72 -1.56
N SER A 55 -19.18 -34.92 -1.00
CA SER A 55 -19.63 -35.21 0.34
C SER A 55 -18.84 -34.42 1.37
N ALA A 56 -17.55 -34.22 1.08
CA ALA A 56 -16.68 -33.48 1.98
C ALA A 56 -17.10 -32.01 2.10
N MET A 57 -17.41 -31.38 0.97
CA MET A 57 -17.82 -29.98 0.97
C MET A 57 -19.11 -29.78 1.78
N GLU A 58 -20.06 -30.69 1.61
CA GLU A 58 -21.34 -30.62 2.33
C GLU A 58 -21.05 -30.67 3.82
N TRP A 59 -20.14 -31.55 4.21
CA TRP A 59 -19.76 -31.70 5.60
C TRP A 59 -19.10 -30.43 6.13
N LEU A 60 -18.17 -29.86 5.35
CA LEU A 60 -17.50 -28.64 5.78
C LEU A 60 -18.52 -27.53 6.03
N VAL A 61 -19.51 -27.45 5.15
CA VAL A 61 -20.54 -26.43 5.27
C VAL A 61 -21.40 -26.66 6.50
N GLU A 62 -21.89 -27.88 6.67
CA GLU A 62 -22.74 -28.20 7.81
C GLU A 62 -22.07 -27.97 9.17
N VAL A 63 -20.86 -28.49 9.35
CA VAL A 63 -20.18 -28.31 10.63
C VAL A 63 -19.76 -26.86 10.88
N THR A 64 -19.50 -26.12 9.80
CA THR A 64 -19.08 -24.73 9.95
C THR A 64 -20.24 -23.80 10.33
N GLN A 65 -21.34 -23.86 9.59
CA GLN A 65 -22.47 -22.99 9.89
C GLN A 65 -23.15 -23.31 11.21
N GLU A 66 -22.71 -24.39 11.86
CA GLU A 66 -23.26 -24.77 13.16
C GLU A 66 -22.67 -23.88 14.24
N VAL A 67 -21.47 -23.36 13.99
CA VAL A 67 -20.80 -22.52 14.96
C VAL A 67 -20.49 -21.12 14.43
N SER A 68 -20.95 -20.83 13.22
CA SER A 68 -20.68 -19.53 12.62
C SER A 68 -21.79 -19.06 11.66
N ASN A 69 -22.05 -17.76 11.67
CA ASN A 69 -23.06 -17.17 10.79
C ASN A 69 -22.37 -16.45 9.64
N LEU A 70 -21.04 -16.52 9.61
CA LEU A 70 -20.26 -15.86 8.57
C LEU A 70 -20.55 -16.43 7.18
N THR A 71 -20.27 -15.63 6.17
CA THR A 71 -20.48 -16.04 4.78
C THR A 71 -19.52 -17.17 4.44
N LEU A 72 -20.03 -18.17 3.75
CA LEU A 72 -19.24 -19.34 3.34
C LEU A 72 -18.75 -19.20 1.90
N CYS A 73 -17.43 -19.23 1.73
CA CYS A 73 -16.81 -19.12 0.41
C CYS A 73 -16.42 -20.54 -0.03
N LEU A 74 -17.32 -21.17 -0.78
CA LEU A 74 -17.10 -22.53 -1.27
C LEU A 74 -16.00 -22.55 -2.33
N ASP A 75 -14.83 -23.03 -1.92
CA ASP A 75 -13.64 -23.08 -2.76
C ASP A 75 -13.38 -24.47 -3.34
N SER A 76 -13.70 -24.64 -4.62
CA SER A 76 -13.50 -25.92 -5.29
C SER A 76 -13.66 -25.81 -6.82
N THR A 77 -12.91 -26.63 -7.55
CA THR A 77 -13.01 -26.64 -9.02
C THR A 77 -14.05 -27.66 -9.46
N ASN A 78 -14.58 -28.43 -8.50
CA ASN A 78 -15.61 -29.43 -8.79
C ASN A 78 -16.96 -28.76 -8.66
N ILE A 79 -17.62 -28.54 -9.80
CA ILE A 79 -18.92 -27.89 -9.82
C ILE A 79 -20.00 -28.64 -9.06
N LYS A 80 -19.95 -29.98 -9.09
CA LYS A 80 -20.95 -30.77 -8.36
C LYS A 80 -20.79 -30.55 -6.86
N ALA A 81 -19.55 -30.35 -6.41
CA ALA A 81 -19.28 -30.11 -5.00
C ALA A 81 -19.78 -28.72 -4.63
N ILE A 82 -19.57 -27.74 -5.52
CA ILE A 82 -20.02 -26.39 -5.27
C ILE A 82 -21.54 -26.39 -5.13
N GLU A 83 -22.22 -26.99 -6.11
CA GLU A 83 -23.67 -27.05 -6.08
C GLU A 83 -24.17 -27.71 -4.80
N ALA A 84 -23.62 -28.87 -4.46
CA ALA A 84 -24.04 -29.58 -3.25
C ALA A 84 -23.79 -28.71 -2.01
N GLY A 85 -22.70 -27.95 -2.04
CA GLY A 85 -22.39 -27.09 -0.92
C GLY A 85 -23.41 -25.97 -0.80
N LEU A 86 -23.77 -25.37 -1.93
CA LEU A 86 -24.75 -24.27 -1.93
C LEU A 86 -26.09 -24.68 -1.34
N LYS A 87 -26.49 -25.92 -1.59
CA LYS A 87 -27.76 -26.42 -1.10
C LYS A 87 -27.78 -26.65 0.41
N LYS A 88 -26.60 -26.75 1.02
CA LYS A 88 -26.52 -26.96 2.46
C LYS A 88 -26.41 -25.64 3.24
N CYS A 89 -25.89 -24.62 2.58
CA CYS A 89 -25.73 -23.31 3.22
C CYS A 89 -27.05 -22.75 3.71
N LYS A 90 -27.05 -22.23 4.93
CA LYS A 90 -28.25 -21.64 5.49
C LYS A 90 -28.18 -20.13 5.27
N ASN A 91 -27.00 -19.65 4.90
CA ASN A 91 -26.82 -18.22 4.65
C ASN A 91 -26.20 -17.98 3.26
N ARG A 92 -26.25 -16.71 2.84
CA ARG A 92 -25.69 -16.31 1.55
C ARG A 92 -24.26 -16.80 1.46
N ALA A 93 -23.87 -17.37 0.31
CA ALA A 93 -22.53 -17.88 0.14
C ALA A 93 -21.73 -17.20 -0.97
N MET A 94 -20.49 -17.64 -1.13
CA MET A 94 -19.59 -17.15 -2.17
C MET A 94 -19.07 -18.35 -2.93
N ILE A 95 -19.08 -18.27 -4.25
CA ILE A 95 -18.60 -19.37 -5.07
C ILE A 95 -17.17 -19.05 -5.50
N ASN A 96 -16.24 -19.92 -5.11
CA ASN A 96 -14.83 -19.74 -5.45
C ASN A 96 -14.34 -20.99 -6.16
N SER A 97 -14.27 -20.97 -7.49
CA SER A 97 -14.59 -19.81 -8.30
C SER A 97 -14.89 -20.25 -9.73
N THR A 98 -14.93 -19.28 -10.64
CA THR A 98 -15.14 -19.54 -12.06
C THR A 98 -14.01 -18.80 -12.76
N ASN A 99 -13.71 -19.19 -13.99
CA ASN A 99 -12.69 -18.48 -14.77
C ASN A 99 -13.39 -18.00 -16.03
N ALA A 100 -12.63 -17.47 -16.98
CA ALA A 100 -13.23 -16.95 -18.20
C ALA A 100 -13.59 -18.01 -19.23
N GLU A 101 -13.37 -19.28 -18.91
CA GLU A 101 -13.72 -20.34 -19.85
C GLU A 101 -15.23 -20.27 -20.01
N ARG A 102 -15.69 -20.11 -21.24
CA ARG A 102 -17.12 -20.01 -21.50
C ARG A 102 -17.88 -21.17 -20.90
N GLU A 103 -17.31 -22.37 -21.00
CA GLU A 103 -17.94 -23.57 -20.48
C GLU A 103 -18.28 -23.46 -18.99
N LYS A 104 -17.36 -22.88 -18.22
CA LYS A 104 -17.57 -22.72 -16.79
C LYS A 104 -18.45 -21.50 -16.50
N VAL A 105 -18.29 -20.45 -17.31
CA VAL A 105 -19.09 -19.24 -17.14
C VAL A 105 -20.59 -19.50 -17.19
N GLU A 106 -21.05 -20.21 -18.23
CA GLU A 106 -22.47 -20.48 -18.39
C GLU A 106 -23.05 -21.49 -17.40
N LYS A 107 -22.20 -22.00 -16.52
CA LYS A 107 -22.66 -22.93 -15.50
C LYS A 107 -22.65 -22.26 -14.13
N LEU A 108 -21.55 -21.55 -13.84
CA LEU A 108 -21.39 -20.89 -12.55
C LEU A 108 -22.08 -19.54 -12.38
N PHE A 109 -22.21 -18.75 -13.44
CA PHE A 109 -22.90 -17.48 -13.30
C PHE A 109 -24.38 -17.72 -13.02
N PRO A 110 -25.02 -18.62 -13.78
CA PRO A 110 -26.44 -18.87 -13.54
C PRO A 110 -26.63 -19.53 -12.16
N LEU A 111 -25.63 -20.31 -11.75
CA LEU A 111 -25.67 -20.98 -10.47
C LEU A 111 -25.59 -19.95 -9.35
N ALA A 112 -24.73 -18.95 -9.53
CA ALA A 112 -24.57 -17.89 -8.54
C ALA A 112 -25.87 -17.09 -8.46
N VAL A 113 -26.44 -16.76 -9.61
CA VAL A 113 -27.67 -15.99 -9.64
C VAL A 113 -28.79 -16.79 -8.96
N GLU A 114 -28.85 -18.07 -9.26
CA GLU A 114 -29.86 -18.96 -8.71
C GLU A 114 -29.87 -19.00 -7.19
N HIS A 115 -28.68 -18.94 -6.59
CA HIS A 115 -28.56 -18.98 -5.14
C HIS A 115 -28.32 -17.61 -4.51
N GLY A 116 -28.31 -16.58 -5.34
CA GLY A 116 -28.08 -15.24 -4.83
C GLY A 116 -26.74 -15.18 -4.13
N ALA A 117 -25.79 -15.96 -4.63
CA ALA A 117 -24.46 -16.01 -4.06
C ALA A 117 -23.51 -15.08 -4.78
N ALA A 118 -22.42 -14.72 -4.11
CA ALA A 118 -21.41 -13.88 -4.72
C ALA A 118 -20.62 -14.82 -5.62
N LEU A 119 -19.88 -14.28 -6.58
CA LEU A 119 -19.11 -15.12 -7.48
C LEU A 119 -17.71 -14.55 -7.71
N ILE A 120 -16.71 -15.39 -7.49
CA ILE A 120 -15.33 -14.97 -7.69
C ILE A 120 -14.93 -15.44 -9.08
N GLY A 121 -14.39 -14.53 -9.87
CA GLY A 121 -13.97 -14.90 -11.21
C GLY A 121 -12.49 -14.66 -11.43
N LEU A 122 -11.78 -15.71 -11.85
CA LEU A 122 -10.35 -15.63 -12.10
C LEU A 122 -10.09 -15.09 -13.50
N THR A 123 -9.10 -14.21 -13.63
CA THR A 123 -8.78 -13.63 -14.92
C THR A 123 -7.88 -14.57 -15.70
N MET A 124 -8.47 -15.64 -16.23
CA MET A 124 -7.73 -16.62 -17.01
C MET A 124 -8.68 -17.65 -17.61
N ASN A 125 -8.16 -18.44 -18.55
CA ASN A 125 -8.94 -19.51 -19.16
C ASN A 125 -8.02 -20.71 -19.36
N LYS A 126 -8.38 -21.63 -20.25
CA LYS A 126 -7.55 -22.80 -20.48
C LYS A 126 -6.13 -22.43 -20.92
N THR A 127 -5.97 -21.22 -21.47
CA THR A 127 -4.68 -20.76 -21.95
C THR A 127 -3.65 -20.48 -20.85
N GLY A 128 -4.10 -20.43 -19.60
CA GLY A 128 -3.19 -20.19 -18.50
C GLY A 128 -3.30 -18.83 -17.84
N ILE A 129 -2.44 -18.57 -16.87
CA ILE A 129 -2.43 -17.29 -16.16
C ILE A 129 -1.59 -16.28 -16.91
N PRO A 130 -2.23 -15.25 -17.45
CA PRO A 130 -1.53 -14.21 -18.21
C PRO A 130 -0.70 -13.28 -17.33
N LYS A 131 0.43 -12.84 -17.85
CA LYS A 131 1.31 -11.93 -17.13
C LYS A 131 0.86 -10.48 -17.33
N ASP A 132 0.79 -10.04 -18.59
CA ASP A 132 0.39 -8.67 -18.93
C ASP A 132 -0.92 -8.26 -18.27
N SER A 133 -0.93 -7.07 -17.67
CA SER A 133 -2.15 -6.59 -17.02
C SER A 133 -3.26 -6.37 -18.04
N ASP A 134 -2.91 -6.11 -19.29
CA ASP A 134 -3.91 -5.91 -20.34
C ASP A 134 -4.66 -7.20 -20.65
N THR A 135 -3.94 -8.31 -20.62
CA THR A 135 -4.57 -9.61 -20.89
C THR A 135 -5.45 -9.98 -19.71
N ARG A 136 -4.99 -9.67 -18.50
CA ARG A 136 -5.76 -9.95 -17.29
C ARG A 136 -7.06 -9.14 -17.35
N LEU A 137 -6.93 -7.87 -17.72
CA LEU A 137 -8.06 -6.97 -17.81
C LEU A 137 -9.12 -7.46 -18.81
N ALA A 138 -8.67 -7.91 -19.98
CA ALA A 138 -9.60 -8.41 -20.99
C ALA A 138 -10.42 -9.56 -20.42
N PHE A 139 -9.79 -10.42 -19.64
CA PHE A 139 -10.54 -11.53 -19.03
C PHE A 139 -11.52 -10.97 -18.00
N ALA A 140 -11.10 -9.92 -17.29
CA ALA A 140 -11.95 -9.30 -16.30
C ALA A 140 -13.19 -8.76 -16.99
N MET A 141 -12.98 -8.10 -18.13
CA MET A 141 -14.08 -7.54 -18.89
C MET A 141 -15.02 -8.62 -19.42
N GLU A 142 -14.50 -9.82 -19.64
CA GLU A 142 -15.32 -10.93 -20.13
C GLU A 142 -16.24 -11.39 -18.99
N LEU A 143 -15.73 -11.32 -17.77
CA LEU A 143 -16.51 -11.70 -16.60
C LEU A 143 -17.60 -10.65 -16.35
N VAL A 144 -17.23 -9.38 -16.50
CA VAL A 144 -18.17 -8.28 -16.32
C VAL A 144 -19.33 -8.45 -17.29
N ALA A 145 -19.02 -8.65 -18.57
CA ALA A 145 -20.05 -8.83 -19.58
C ALA A 145 -20.94 -10.00 -19.22
N ALA A 146 -20.34 -11.08 -18.70
CA ALA A 146 -21.08 -12.26 -18.30
C ALA A 146 -22.04 -11.95 -17.16
N ALA A 147 -21.62 -11.06 -16.27
CA ALA A 147 -22.47 -10.69 -15.14
C ALA A 147 -23.74 -10.02 -15.67
N ASP A 148 -23.59 -9.17 -16.68
CA ASP A 148 -24.72 -8.49 -17.30
C ASP A 148 -25.53 -9.47 -18.13
N GLU A 149 -24.84 -10.44 -18.74
CA GLU A 149 -25.52 -11.43 -19.56
C GLU A 149 -26.45 -12.32 -18.76
N PHE A 150 -25.96 -12.87 -17.65
CA PHE A 150 -26.77 -13.76 -16.83
C PHE A 150 -27.54 -13.13 -15.68
N GLY A 151 -27.51 -11.80 -15.60
CA GLY A 151 -28.25 -11.13 -14.53
C GLY A 151 -27.62 -11.13 -13.16
N LEU A 152 -26.31 -11.25 -13.09
CA LEU A 152 -25.63 -11.23 -11.79
C LEU A 152 -25.31 -9.79 -11.42
N PRO A 153 -25.79 -9.33 -10.25
CA PRO A 153 -25.52 -7.95 -9.82
C PRO A 153 -24.01 -7.72 -9.82
N MET A 154 -23.55 -6.73 -10.56
CA MET A 154 -22.12 -6.46 -10.65
C MET A 154 -21.43 -6.43 -9.28
N GLU A 155 -22.14 -5.96 -8.27
CA GLU A 155 -21.58 -5.89 -6.93
C GLU A 155 -21.37 -7.28 -6.32
N ASP A 156 -21.90 -8.31 -6.97
CA ASP A 156 -21.74 -9.67 -6.48
C ASP A 156 -20.63 -10.40 -7.22
N LEU A 157 -19.92 -9.68 -8.08
CA LEU A 157 -18.83 -10.27 -8.82
C LEU A 157 -17.51 -9.80 -8.23
N TYR A 158 -16.64 -10.74 -7.88
CA TYR A 158 -15.34 -10.43 -7.32
C TYR A 158 -14.28 -10.94 -8.28
N ILE A 159 -13.65 -10.02 -9.01
CA ILE A 159 -12.63 -10.40 -9.96
C ILE A 159 -11.28 -10.63 -9.28
N ASP A 160 -10.69 -11.78 -9.54
CA ASP A 160 -9.41 -12.16 -8.95
C ASP A 160 -8.32 -12.20 -10.03
N PRO A 161 -7.39 -11.22 -10.02
CA PRO A 161 -6.31 -11.17 -11.00
C PRO A 161 -5.20 -12.21 -10.75
N LEU A 162 -5.37 -13.02 -9.71
CA LEU A 162 -4.43 -14.09 -9.39
C LEU A 162 -2.99 -13.71 -9.08
N ILE A 163 -2.71 -13.42 -7.81
CA ILE A 163 -1.36 -13.06 -7.40
C ILE A 163 -0.50 -14.32 -7.25
N LEU A 164 0.78 -14.21 -7.60
CA LEU A 164 1.72 -15.33 -7.52
C LEU A 164 2.88 -15.03 -6.56
N PRO A 165 3.71 -16.04 -6.25
CA PRO A 165 4.84 -15.86 -5.35
C PRO A 165 5.84 -14.80 -5.83
N ALA A 166 6.16 -13.85 -4.96
CA ALA A 166 7.07 -12.77 -5.31
C ALA A 166 8.53 -13.17 -5.47
N ASN A 167 8.89 -14.40 -5.08
CA ASN A 167 10.28 -14.81 -5.19
C ASN A 167 10.61 -15.54 -6.49
N VAL A 168 9.58 -16.02 -7.20
CA VAL A 168 9.79 -16.73 -8.46
C VAL A 168 8.91 -16.21 -9.58
N ALA A 169 7.99 -15.30 -9.24
CA ALA A 169 7.10 -14.72 -10.24
C ALA A 169 6.88 -13.26 -9.85
N GLN A 170 7.97 -12.64 -9.41
CA GLN A 170 7.99 -11.25 -8.96
C GLN A 170 7.40 -10.21 -9.92
N ASP A 171 7.61 -10.41 -11.23
CA ASP A 171 7.11 -9.45 -12.21
C ASP A 171 5.59 -9.48 -12.38
N HIS A 172 4.93 -10.40 -11.68
CA HIS A 172 3.46 -10.49 -11.74
C HIS A 172 2.81 -9.54 -10.75
N ALA A 173 3.47 -9.32 -9.61
CA ALA A 173 2.91 -8.43 -8.58
C ALA A 173 2.50 -7.08 -9.15
N PRO A 174 3.44 -6.32 -9.73
CA PRO A 174 3.05 -5.02 -10.28
C PRO A 174 1.93 -5.12 -11.33
N GLU A 175 1.89 -6.21 -12.06
CA GLU A 175 0.85 -6.39 -13.09
C GLU A 175 -0.50 -6.60 -12.42
N VAL A 176 -0.50 -7.26 -11.27
CA VAL A 176 -1.73 -7.49 -10.53
C VAL A 176 -2.27 -6.17 -9.99
N LEU A 177 -1.38 -5.31 -9.51
CA LEU A 177 -1.78 -4.02 -8.97
C LEU A 177 -2.38 -3.16 -10.09
N LYS A 178 -1.75 -3.19 -11.26
CA LYS A 178 -2.24 -2.43 -12.41
C LYS A 178 -3.62 -2.92 -12.85
N THR A 179 -3.82 -4.23 -12.83
CA THR A 179 -5.10 -4.81 -13.22
C THR A 179 -6.19 -4.34 -12.26
N LEU A 180 -5.86 -4.32 -10.97
CA LEU A 180 -6.81 -3.88 -9.95
C LEU A 180 -7.19 -2.41 -10.15
N GLN A 181 -6.19 -1.57 -10.39
CA GLN A 181 -6.45 -0.14 -10.61
C GLN A 181 -7.35 0.07 -11.82
N GLN A 182 -7.15 -0.73 -12.86
CA GLN A 182 -7.98 -0.62 -14.06
C GLN A 182 -9.41 -1.00 -13.77
N ILE A 183 -9.59 -2.11 -13.06
CA ILE A 183 -10.93 -2.58 -12.71
C ILE A 183 -11.63 -1.56 -11.81
N LYS A 184 -10.85 -0.90 -10.99
CA LYS A 184 -11.35 0.12 -10.06
C LYS A 184 -11.96 1.31 -10.79
N MET A 185 -11.40 1.65 -11.95
CA MET A 185 -11.89 2.77 -12.73
C MET A 185 -13.20 2.54 -13.48
N LEU A 186 -13.64 1.29 -13.56
CA LEU A 186 -14.89 0.98 -14.25
C LEU A 186 -16.07 1.76 -13.66
N ALA A 187 -17.00 2.16 -14.52
CA ALA A 187 -18.16 2.92 -14.11
C ALA A 187 -19.12 2.13 -13.21
N ASP A 188 -19.90 2.85 -12.41
CA ASP A 188 -20.86 2.24 -11.51
C ASP A 188 -22.03 1.63 -12.29
N PRO A 189 -22.54 0.46 -11.84
CA PRO A 189 -22.05 -0.29 -10.67
C PRO A 189 -20.80 -1.08 -11.06
N ALA A 190 -19.70 -0.85 -10.36
CA ALA A 190 -18.44 -1.52 -10.66
C ALA A 190 -18.28 -2.84 -9.92
N PRO A 191 -17.57 -3.80 -10.54
CA PRO A 191 -17.37 -5.09 -9.89
C PRO A 191 -16.39 -4.94 -8.73
N LYS A 192 -16.34 -5.94 -7.87
CA LYS A 192 -15.43 -5.93 -6.74
C LYS A 192 -14.21 -6.76 -7.11
N THR A 193 -13.19 -6.73 -6.27
CA THR A 193 -11.98 -7.50 -6.52
C THR A 193 -11.56 -8.26 -5.26
N VAL A 194 -10.85 -9.36 -5.47
CA VAL A 194 -10.38 -10.21 -4.38
C VAL A 194 -9.06 -10.85 -4.75
N LEU A 195 -8.31 -11.30 -3.76
CA LEU A 195 -7.04 -11.96 -4.01
C LEU A 195 -6.79 -13.06 -3.00
N GLY A 196 -6.13 -14.13 -3.44
CA GLY A 196 -5.57 -15.10 -2.52
C GLY A 196 -4.25 -14.59 -1.98
N LEU A 197 -4.34 -13.72 -0.99
CA LEU A 197 -3.20 -12.91 -0.56
C LEU A 197 -1.97 -13.77 -0.29
N SER A 198 -2.13 -14.83 0.50
CA SER A 198 -0.99 -15.60 1.01
C SER A 198 -0.09 -16.12 -0.11
N ASN A 199 -0.64 -16.27 -1.32
CA ASN A 199 0.12 -16.82 -2.45
C ASN A 199 1.32 -15.94 -2.81
N VAL A 200 1.23 -14.64 -2.51
CA VAL A 200 2.29 -13.72 -2.86
C VAL A 200 3.61 -13.94 -2.11
N SER A 201 3.54 -14.58 -0.94
CA SER A 201 4.75 -14.79 -0.13
C SER A 201 5.18 -16.25 0.00
N GLN A 202 4.56 -17.13 -0.77
CA GLN A 202 4.88 -18.56 -0.74
C GLN A 202 6.39 -18.78 -0.80
N ASN A 203 6.92 -19.54 0.15
CA ASN A 203 8.34 -19.86 0.20
C ASN A 203 9.29 -18.67 0.39
N CYS A 204 8.74 -17.51 0.74
CA CYS A 204 9.58 -16.33 0.94
C CYS A 204 9.94 -16.18 2.41
N GLN A 205 10.82 -15.23 2.72
CA GLN A 205 11.21 -14.99 4.10
C GLN A 205 10.28 -13.91 4.63
N ASN A 206 9.85 -14.07 5.88
CA ASN A 206 8.92 -13.16 6.54
C ASN A 206 7.63 -12.97 5.75
N ARG A 207 6.93 -14.08 5.53
CA ARG A 207 5.67 -14.04 4.78
C ARG A 207 4.66 -13.03 5.32
N PRO A 208 4.54 -12.91 6.66
CA PRO A 208 3.57 -11.94 7.19
C PRO A 208 3.84 -10.51 6.72
N LEU A 209 5.12 -10.13 6.69
CA LEU A 209 5.53 -8.81 6.25
C LEU A 209 5.13 -8.60 4.79
N ILE A 210 5.44 -9.58 3.96
CA ILE A 210 5.12 -9.52 2.55
C ILE A 210 3.61 -9.48 2.33
N ASN A 211 2.86 -10.30 3.07
CA ASN A 211 1.41 -10.32 2.96
C ASN A 211 0.81 -8.96 3.32
N ARG A 212 1.23 -8.43 4.47
CA ARG A 212 0.76 -7.14 4.98
C ARG A 212 0.96 -6.01 3.97
N THR A 213 2.19 -5.89 3.48
CA THR A 213 2.54 -4.85 2.54
C THR A 213 1.76 -4.94 1.25
N PHE A 214 1.61 -6.14 0.70
CA PHE A 214 0.88 -6.26 -0.56
C PHE A 214 -0.61 -5.96 -0.34
N LEU A 215 -1.14 -6.32 0.82
CA LEU A 215 -2.55 -6.03 1.09
C LEU A 215 -2.77 -4.53 1.04
N ALA A 216 -1.93 -3.78 1.74
CA ALA A 216 -2.06 -2.33 1.78
C ALA A 216 -1.96 -1.75 0.37
N MET A 217 -1.00 -2.24 -0.40
CA MET A 217 -0.80 -1.76 -1.76
C MET A 217 -2.00 -2.10 -2.64
N ALA A 218 -2.52 -3.32 -2.48
CA ALA A 218 -3.67 -3.77 -3.25
C ALA A 218 -4.93 -2.97 -2.91
N MET A 219 -5.11 -2.65 -1.63
CA MET A 219 -6.28 -1.89 -1.22
C MET A 219 -6.26 -0.49 -1.84
N ALA A 220 -5.08 0.09 -1.97
CA ALA A 220 -4.93 1.41 -2.56
C ALA A 220 -5.38 1.35 -4.02
N CYS A 221 -5.33 0.15 -4.61
CA CYS A 221 -5.74 -0.04 -5.99
C CYS A 221 -7.17 -0.56 -6.12
N GLY A 222 -7.95 -0.42 -5.05
CA GLY A 222 -9.33 -0.86 -5.07
C GLY A 222 -9.73 -2.23 -4.52
N LEU A 223 -8.77 -3.03 -4.07
CA LEU A 223 -9.09 -4.36 -3.55
C LEU A 223 -10.20 -4.30 -2.51
N ASP A 224 -11.18 -5.18 -2.65
CA ASP A 224 -12.32 -5.22 -1.74
C ASP A 224 -12.34 -6.41 -0.78
N ALA A 225 -11.69 -7.50 -1.18
CA ALA A 225 -11.66 -8.68 -0.33
C ALA A 225 -10.34 -9.40 -0.48
N ALA A 226 -10.01 -10.20 0.52
CA ALA A 226 -8.77 -10.94 0.50
C ALA A 226 -8.91 -12.24 1.26
N ILE A 227 -8.74 -13.34 0.55
CA ILE A 227 -8.56 -14.63 1.20
C ILE A 227 -7.21 -14.67 1.87
N ALA A 228 -7.19 -14.56 3.20
CA ALA A 228 -5.93 -14.43 3.92
C ALA A 228 -6.03 -15.00 5.33
N ASP A 229 -4.91 -14.93 6.04
CA ASP A 229 -4.82 -15.40 7.42
C ASP A 229 -5.54 -14.43 8.36
N ALA A 230 -6.76 -14.78 8.77
CA ALA A 230 -7.54 -13.92 9.66
C ALA A 230 -7.02 -13.95 11.10
N CYS A 231 -6.12 -14.90 11.38
CA CYS A 231 -5.53 -15.02 12.71
C CYS A 231 -4.21 -14.24 12.77
N ASP A 232 -3.90 -13.52 11.71
CA ASP A 232 -2.69 -12.72 11.70
C ASP A 232 -3.09 -11.31 12.13
N GLU A 233 -2.85 -11.01 13.40
CA GLU A 233 -3.21 -9.72 13.97
C GLU A 233 -2.61 -8.51 13.26
N ALA A 234 -1.38 -8.62 12.78
CA ALA A 234 -0.74 -7.51 12.10
C ALA A 234 -1.39 -7.27 10.73
N LEU A 235 -1.90 -8.34 10.13
CA LEU A 235 -2.55 -8.21 8.83
C LEU A 235 -3.89 -7.49 9.01
N ILE A 236 -4.61 -7.87 10.05
CA ILE A 236 -5.89 -7.26 10.37
C ILE A 236 -5.70 -5.77 10.63
N GLU A 237 -4.61 -5.41 11.32
CA GLU A 237 -4.33 -4.00 11.60
C GLU A 237 -4.19 -3.25 10.29
N THR A 238 -3.42 -3.81 9.37
CA THR A 238 -3.20 -3.19 8.08
C THR A 238 -4.52 -2.94 7.35
N ALA A 239 -5.35 -3.98 7.27
CA ALA A 239 -6.65 -3.87 6.62
C ALA A 239 -7.42 -2.70 7.22
N ALA A 240 -7.49 -2.68 8.54
CA ALA A 240 -8.21 -1.64 9.27
C ALA A 240 -7.64 -0.25 8.98
N THR A 241 -6.31 -0.15 9.01
CA THR A 241 -5.62 1.11 8.77
C THR A 241 -5.83 1.59 7.33
N ALA A 242 -5.73 0.68 6.38
CA ALA A 242 -5.90 1.02 4.98
C ALA A 242 -7.27 1.61 4.68
N GLU A 243 -8.31 1.07 5.31
CA GLU A 243 -9.66 1.60 5.10
C GLU A 243 -9.69 3.07 5.51
N ILE A 244 -9.09 3.35 6.66
CA ILE A 244 -9.04 4.71 7.17
C ILE A 244 -8.33 5.63 6.18
N LEU A 245 -7.19 5.17 5.66
CA LEU A 245 -6.39 5.96 4.73
C LEU A 245 -7.05 6.20 3.37
N LEU A 246 -8.05 5.39 3.04
CA LEU A 246 -8.77 5.55 1.78
C LEU A 246 -10.09 6.27 2.07
N ASN A 247 -10.26 6.68 3.33
CA ASN A 247 -11.46 7.36 3.77
C ASN A 247 -12.72 6.52 3.51
N GLN A 248 -12.59 5.21 3.70
CA GLN A 248 -13.71 4.29 3.52
C GLN A 248 -14.41 4.13 4.87
N THR A 249 -13.63 4.31 5.93
CA THR A 249 -14.16 4.19 7.29
C THR A 249 -13.63 5.40 8.09
N VAL A 250 -14.53 6.10 8.75
CA VAL A 250 -14.16 7.29 9.53
C VAL A 250 -13.15 6.95 10.63
N TYR A 251 -12.26 7.89 10.90
CA TYR A 251 -11.20 7.67 11.87
C TYR A 251 -11.70 7.85 13.29
N CYS A 252 -11.19 6.98 14.15
CA CYS A 252 -11.33 7.08 15.59
C CYS A 252 -10.16 6.34 16.23
N ASP A 253 -9.79 6.72 17.44
CA ASP A 253 -8.55 6.21 18.03
C ASP A 253 -8.50 4.67 18.06
N SER A 254 -9.66 4.03 18.22
CA SER A 254 -9.71 2.57 18.30
C SER A 254 -10.21 1.95 17.00
N PHE A 255 -9.72 2.48 15.88
CA PHE A 255 -10.14 1.99 14.57
C PHE A 255 -9.85 0.49 14.34
N VAL A 256 -8.78 -0.03 14.94
CA VAL A 256 -8.48 -1.45 14.78
C VAL A 256 -9.56 -2.28 15.47
N LYS A 257 -9.86 -1.96 16.72
CA LYS A 257 -10.88 -2.67 17.49
C LYS A 257 -12.25 -2.57 16.82
N MET A 258 -12.56 -1.41 16.25
CA MET A 258 -13.84 -1.23 15.57
C MET A 258 -13.93 -2.12 14.34
N PHE A 259 -12.81 -2.33 13.68
CA PHE A 259 -12.78 -3.17 12.48
C PHE A 259 -13.10 -4.62 12.81
N LYS A 260 -12.57 -5.09 13.93
CA LYS A 260 -12.77 -6.48 14.37
C LYS A 260 -14.15 -6.73 14.98
N THR A 261 -14.85 -5.68 15.40
CA THR A 261 -16.15 -5.87 16.03
C THR A 261 -17.34 -5.31 15.27
N ARG A 262 -17.11 -4.67 14.13
CA ARG A 262 -18.21 -4.11 13.35
C ARG A 262 -19.29 -5.17 13.11
N MET B 1 12.97 3.20 -3.25
CA MET B 1 12.46 4.21 -2.28
C MET B 1 13.58 4.90 -1.53
N LEU B 2 13.64 6.21 -1.66
CA LEU B 2 14.66 7.00 -0.98
C LEU B 2 14.10 7.52 0.34
N ILE B 3 14.72 7.12 1.45
CA ILE B 3 14.27 7.60 2.75
C ILE B 3 15.10 8.82 3.13
N ILE B 4 14.41 9.91 3.44
CA ILE B 4 15.07 11.14 3.85
C ILE B 4 14.82 11.31 5.35
N GLY B 5 15.86 11.10 6.16
CA GLY B 5 15.72 11.22 7.60
C GLY B 5 15.09 12.55 7.99
N GLU B 6 14.08 12.48 8.86
CA GLU B 6 13.29 13.67 9.24
C GLU B 6 13.73 14.25 10.60
N ARG B 7 14.56 13.52 11.34
CA ARG B 7 14.76 13.79 12.77
C ARG B 7 15.52 15.10 13.04
N ILE B 8 16.47 15.47 12.19
CA ILE B 8 17.22 16.72 12.40
C ILE B 8 16.37 17.94 12.08
N ASN B 9 15.39 18.19 12.94
CA ASN B 9 14.44 19.26 12.74
C ASN B 9 14.25 20.06 14.03
N GLY B 10 14.35 21.39 13.94
CA GLY B 10 14.39 22.25 15.11
C GLY B 10 13.10 22.15 15.95
N MET B 11 12.05 21.52 15.41
CA MET B 11 10.81 21.38 16.17
C MET B 11 10.97 20.40 17.33
N PHE B 12 11.93 19.49 17.17
CA PHE B 12 12.28 18.56 18.23
C PHE B 12 13.12 19.26 19.30
N GLY B 13 12.73 19.07 20.56
CA GLY B 13 13.42 19.69 21.67
C GLY B 13 14.94 19.54 21.71
N ASP B 14 15.43 18.33 21.45
CA ASP B 14 16.88 18.14 21.49
C ASP B 14 17.62 18.91 20.41
N ILE B 15 17.07 18.93 19.19
CA ILE B 15 17.72 19.65 18.09
C ILE B 15 17.67 21.16 18.33
N LYS B 16 16.54 21.64 18.86
CA LYS B 16 16.40 23.07 19.14
C LYS B 16 17.50 23.48 20.11
N ARG B 17 17.72 22.65 21.13
CA ARG B 17 18.71 22.90 22.15
C ARG B 17 20.13 22.88 21.57
N ALA B 18 20.40 21.87 20.75
CA ALA B 18 21.71 21.74 20.13
C ALA B 18 22.05 22.94 19.27
N ILE B 19 21.07 23.42 18.49
CA ILE B 19 21.27 24.56 17.61
C ILE B 19 21.52 25.83 18.42
N GLN B 20 20.66 26.09 19.40
CA GLN B 20 20.80 27.27 20.23
C GLN B 20 22.13 27.30 20.99
N GLU B 21 22.55 26.16 21.52
CA GLU B 21 23.80 26.11 22.27
C GLU B 21 24.97 25.72 21.38
N ARG B 22 24.69 25.50 20.10
CA ARG B 22 25.72 25.09 19.15
C ARG B 22 26.49 23.88 19.66
N ASP B 23 25.75 22.82 19.97
CA ASP B 23 26.32 21.56 20.46
C ASP B 23 26.19 20.53 19.33
N PRO B 24 27.30 20.25 18.63
CA PRO B 24 27.33 19.30 17.51
C PRO B 24 26.89 17.87 17.83
N ALA B 25 27.25 17.39 19.02
CA ALA B 25 26.94 16.03 19.44
C ALA B 25 25.56 15.47 19.11
N PRO B 26 24.48 16.08 19.63
CA PRO B 26 23.13 15.56 19.34
C PRO B 26 22.83 15.41 17.84
N VAL B 27 23.19 16.43 17.07
CA VAL B 27 22.95 16.44 15.64
C VAL B 27 23.73 15.36 14.90
N GLN B 28 25.01 15.20 15.23
CA GLN B 28 25.84 14.20 14.57
C GLN B 28 25.40 12.79 14.93
N GLU B 29 24.92 12.61 16.16
CA GLU B 29 24.46 11.29 16.59
C GLU B 29 23.21 10.89 15.81
N TRP B 30 22.35 11.87 15.54
CA TRP B 30 21.13 11.60 14.78
C TRP B 30 21.45 11.33 13.32
N ALA B 31 22.49 11.99 12.81
CA ALA B 31 22.90 11.78 11.42
C ALA B 31 23.34 10.33 11.25
N ARG B 32 24.19 9.85 12.17
CA ARG B 32 24.68 8.48 12.10
C ARG B 32 23.55 7.46 12.28
N ARG B 33 22.69 7.70 13.27
CA ARG B 33 21.58 6.79 13.54
C ARG B 33 20.63 6.63 12.36
N GLN B 34 20.29 7.73 11.71
CA GLN B 34 19.40 7.69 10.57
C GLN B 34 20.01 6.96 9.38
N GLU B 35 21.30 7.18 9.14
CA GLU B 35 21.95 6.48 8.03
C GLU B 35 21.98 4.99 8.32
N GLU B 36 22.27 4.63 9.57
CA GLU B 36 22.32 3.22 9.95
C GLU B 36 20.95 2.57 9.80
N GLY B 37 19.90 3.37 9.97
CA GLY B 37 18.54 2.85 9.85
C GLY B 37 18.17 2.60 8.39
N GLY B 38 18.87 3.26 7.47
CA GLY B 38 18.60 3.06 6.06
C GLY B 38 18.39 4.32 5.26
N ALA B 39 18.40 5.47 5.92
CA ALA B 39 18.20 6.73 5.20
C ALA B 39 19.40 7.01 4.29
N ARG B 40 19.14 7.66 3.17
CA ARG B 40 20.21 8.01 2.24
C ARG B 40 20.24 9.50 1.98
N ALA B 41 19.46 10.23 2.77
CA ALA B 41 19.40 11.68 2.70
C ALA B 41 18.94 12.14 4.09
N LEU B 42 19.34 13.34 4.48
CA LEU B 42 18.99 13.87 5.79
C LEU B 42 18.33 15.25 5.68
N ASP B 43 17.12 15.37 6.22
CA ASP B 43 16.43 16.64 6.18
C ASP B 43 17.01 17.50 7.29
N LEU B 44 17.28 18.76 6.98
CA LEU B 44 17.85 19.69 7.96
C LEU B 44 16.95 20.92 8.07
N ASN B 45 16.32 21.06 9.22
CA ASN B 45 15.42 22.17 9.50
C ASN B 45 15.88 22.81 10.81
N VAL B 46 16.12 24.13 10.79
CA VAL B 46 16.60 24.80 11.99
C VAL B 46 15.50 25.07 13.01
N GLY B 47 14.24 24.97 12.58
CA GLY B 47 13.15 25.22 13.50
C GLY B 47 12.86 26.69 13.60
N PRO B 48 11.70 27.09 14.14
CA PRO B 48 11.36 28.50 14.26
C PRO B 48 11.91 29.24 15.47
N ALA B 49 12.38 28.49 16.47
CA ALA B 49 12.88 29.12 17.69
C ALA B 49 14.12 29.99 17.55
N VAL B 50 15.17 29.47 16.92
CA VAL B 50 16.42 30.20 16.77
C VAL B 50 16.27 31.56 16.07
N GLN B 51 16.96 32.57 16.58
CA GLN B 51 16.88 33.90 15.99
C GLN B 51 17.58 34.04 14.64
N ASP B 52 18.86 33.67 14.57
CA ASP B 52 19.61 33.76 13.32
C ASP B 52 19.47 32.41 12.61
N LYS B 53 18.48 32.33 11.72
CA LYS B 53 18.19 31.10 11.01
C LYS B 53 19.13 30.81 9.84
N VAL B 54 19.79 31.84 9.32
CA VAL B 54 20.70 31.63 8.22
C VAL B 54 21.98 30.96 8.73
N SER B 55 22.55 31.52 9.80
CA SER B 55 23.77 30.95 10.35
C SER B 55 23.50 29.59 10.99
N ALA B 56 22.26 29.36 11.40
CA ALA B 56 21.89 28.08 12.02
C ALA B 56 21.89 26.98 10.97
N MET B 57 21.44 27.32 9.75
CA MET B 57 21.40 26.33 8.67
C MET B 57 22.82 25.98 8.25
N GLU B 58 23.68 26.99 8.14
CA GLU B 58 25.07 26.74 7.74
C GLU B 58 25.72 25.84 8.77
N TRP B 59 25.39 26.06 10.03
CA TRP B 59 25.95 25.28 11.11
C TRP B 59 25.50 23.82 11.04
N LEU B 60 24.20 23.61 10.79
CA LEU B 60 23.67 22.25 10.70
C LEU B 60 24.36 21.50 9.56
N VAL B 61 24.55 22.19 8.44
CA VAL B 61 25.21 21.57 7.29
C VAL B 61 26.65 21.22 7.62
N GLU B 62 27.35 22.14 8.28
CA GLU B 62 28.74 21.90 8.62
C GLU B 62 28.94 20.74 9.59
N VAL B 63 28.20 20.70 10.69
CA VAL B 63 28.36 19.62 11.65
C VAL B 63 27.86 18.28 11.11
N THR B 64 26.85 18.32 10.24
CA THR B 64 26.31 17.08 9.69
C THR B 64 27.21 16.41 8.65
N GLN B 65 27.68 17.16 7.67
CA GLN B 65 28.53 16.58 6.64
C GLN B 65 29.91 16.20 7.18
N GLU B 66 30.16 16.60 8.42
CA GLU B 66 31.43 16.29 9.06
C GLU B 66 31.44 14.82 9.45
N VAL B 67 30.26 14.23 9.60
CA VAL B 67 30.15 12.83 9.98
C VAL B 67 29.34 12.02 8.98
N SER B 68 28.79 12.71 7.97
CA SER B 68 27.97 12.04 6.97
C SER B 68 28.21 12.50 5.54
N ASN B 69 28.22 11.54 4.62
CA ASN B 69 28.41 11.83 3.20
C ASN B 69 27.05 11.82 2.51
N LEU B 70 25.99 11.72 3.31
CA LEU B 70 24.62 11.69 2.79
C LEU B 70 24.13 12.99 2.19
N THR B 71 23.24 12.87 1.21
CA THR B 71 22.66 14.02 0.56
C THR B 71 21.94 14.81 1.65
N LEU B 72 22.15 16.13 1.67
CA LEU B 72 21.52 16.97 2.67
C LEU B 72 20.29 17.64 2.08
N CYS B 73 19.15 17.45 2.72
CA CYS B 73 17.89 18.04 2.28
C CYS B 73 17.62 19.29 3.12
N LEU B 74 17.94 20.44 2.56
CA LEU B 74 17.78 21.72 3.26
C LEU B 74 16.31 22.17 3.31
N ASP B 75 15.73 22.01 4.50
CA ASP B 75 14.33 22.32 4.78
C ASP B 75 14.13 23.71 5.40
N SER B 76 13.75 24.67 4.58
CA SER B 76 13.51 26.04 5.06
C SER B 76 12.69 26.89 4.09
N THR B 77 11.90 27.81 4.64
CA THR B 77 11.09 28.72 3.83
C THR B 77 11.88 30.00 3.55
N ASN B 78 13.01 30.14 4.22
CA ASN B 78 13.87 31.31 4.05
C ASN B 78 14.89 31.06 2.93
N ILE B 79 14.70 31.72 1.79
CA ILE B 79 15.59 31.53 0.65
C ILE B 79 17.05 31.83 0.99
N LYS B 80 17.29 32.85 1.80
CA LYS B 80 18.67 33.19 2.17
C LYS B 80 19.30 32.05 2.94
N ALA B 81 18.51 31.43 3.84
CA ALA B 81 19.01 30.31 4.62
C ALA B 81 19.37 29.16 3.67
N ILE B 82 18.54 28.92 2.67
CA ILE B 82 18.79 27.86 1.70
C ILE B 82 20.08 28.13 0.92
N GLU B 83 20.24 29.36 0.44
CA GLU B 83 21.42 29.72 -0.32
C GLU B 83 22.70 29.58 0.49
N ALA B 84 22.68 30.04 1.75
CA ALA B 84 23.85 29.93 2.61
C ALA B 84 24.16 28.46 2.84
N GLY B 85 23.11 27.65 2.96
CA GLY B 85 23.28 26.23 3.19
C GLY B 85 23.93 25.51 2.02
N LEU B 86 23.41 25.73 0.82
CA LEU B 86 23.93 25.12 -0.39
C LEU B 86 25.40 25.46 -0.57
N LYS B 87 25.77 26.69 -0.24
CA LYS B 87 27.15 27.15 -0.38
C LYS B 87 28.08 26.38 0.57
N LYS B 88 27.53 25.89 1.67
CA LYS B 88 28.33 25.13 2.63
C LYS B 88 28.42 23.64 2.28
N CYS B 89 27.44 23.14 1.53
CA CYS B 89 27.41 21.73 1.16
C CYS B 89 28.58 21.27 0.29
N LYS B 90 29.24 20.20 0.72
CA LYS B 90 30.36 19.67 -0.04
C LYS B 90 29.82 18.61 -0.99
N ASN B 91 28.67 18.03 -0.65
CA ASN B 91 28.06 17.02 -1.50
C ASN B 91 26.78 17.58 -2.12
N ARG B 92 26.29 16.93 -3.18
CA ARG B 92 25.07 17.38 -3.84
C ARG B 92 23.98 17.47 -2.79
N ALA B 93 23.14 18.50 -2.90
CA ALA B 93 22.06 18.70 -1.93
C ALA B 93 20.66 18.63 -2.53
N MET B 94 19.67 18.85 -1.66
CA MET B 94 18.28 18.84 -2.04
C MET B 94 17.64 20.07 -1.39
N ILE B 95 16.79 20.76 -2.13
CA ILE B 95 16.13 21.96 -1.59
C ILE B 95 14.69 21.69 -1.23
N ASN B 96 14.35 21.95 0.03
CA ASN B 96 12.99 21.73 0.51
C ASN B 96 12.51 23.01 1.18
N SER B 97 11.73 23.82 0.47
CA SER B 97 11.28 23.54 -0.89
C SER B 97 10.73 24.79 -1.57
N THR B 98 10.14 24.59 -2.74
CA THR B 98 9.48 25.67 -3.48
C THR B 98 8.02 25.25 -3.61
N ASN B 99 7.13 26.20 -3.84
CA ASN B 99 5.74 25.87 -4.04
C ASN B 99 5.36 26.30 -5.47
N ALA B 100 4.07 26.30 -5.80
CA ALA B 100 3.65 26.67 -7.13
C ALA B 100 3.59 28.17 -7.39
N GLU B 101 3.84 28.98 -6.37
CA GLU B 101 3.83 30.43 -6.55
C GLU B 101 4.96 30.77 -7.52
N ARG B 102 4.63 31.51 -8.58
CA ARG B 102 5.62 31.88 -9.59
C ARG B 102 6.83 32.61 -9.00
N GLU B 103 6.56 33.53 -8.07
CA GLU B 103 7.62 34.30 -7.44
C GLU B 103 8.64 33.35 -6.80
N LYS B 104 8.14 32.27 -6.19
CA LYS B 104 9.00 31.28 -5.55
C LYS B 104 9.71 30.45 -6.61
N VAL B 105 8.96 30.04 -7.64
CA VAL B 105 9.47 29.24 -8.73
C VAL B 105 10.68 29.83 -9.45
N GLU B 106 10.58 31.09 -9.88
CA GLU B 106 11.67 31.72 -10.61
C GLU B 106 12.92 32.03 -9.79
N LYS B 107 12.86 31.81 -8.49
CA LYS B 107 14.02 32.04 -7.64
C LYS B 107 14.62 30.68 -7.27
N LEU B 108 13.77 29.76 -6.85
CA LEU B 108 14.22 28.44 -6.42
C LEU B 108 14.66 27.47 -7.51
N PHE B 109 13.96 27.43 -8.63
CA PHE B 109 14.37 26.52 -9.70
C PHE B 109 15.76 26.89 -10.24
N PRO B 110 16.02 28.19 -10.48
CA PRO B 110 17.34 28.58 -10.98
C PRO B 110 18.42 28.32 -9.92
N LEU B 111 18.04 28.41 -8.66
CA LEU B 111 18.97 28.17 -7.57
C LEU B 111 19.36 26.70 -7.56
N ALA B 112 18.37 25.81 -7.70
CA ALA B 112 18.63 24.38 -7.72
C ALA B 112 19.52 24.01 -8.90
N VAL B 113 19.26 24.63 -10.04
CA VAL B 113 20.03 24.37 -11.25
C VAL B 113 21.47 24.85 -11.12
N GLU B 114 21.66 26.03 -10.54
CA GLU B 114 23.00 26.60 -10.36
C GLU B 114 23.87 25.67 -9.53
N HIS B 115 23.29 25.09 -8.49
CA HIS B 115 24.01 24.21 -7.57
C HIS B 115 23.94 22.73 -7.93
N GLY B 116 23.25 22.40 -9.01
CA GLY B 116 23.10 21.01 -9.40
C GLY B 116 22.43 20.23 -8.28
N ALA B 117 21.45 20.86 -7.64
CA ALA B 117 20.74 20.24 -6.53
C ALA B 117 19.36 19.74 -6.92
N ALA B 118 18.81 18.85 -6.10
CA ALA B 118 17.47 18.34 -6.33
C ALA B 118 16.53 19.39 -5.75
N LEU B 119 15.27 19.37 -6.17
CA LEU B 119 14.31 20.34 -5.69
C LEU B 119 12.95 19.72 -5.37
N ILE B 120 12.44 20.02 -4.18
CA ILE B 120 11.14 19.52 -3.79
C ILE B 120 10.11 20.59 -4.12
N GLY B 121 9.01 20.19 -4.74
CA GLY B 121 7.98 21.14 -5.11
C GLY B 121 6.63 20.77 -4.52
N LEU B 122 6.08 21.68 -3.71
CA LEU B 122 4.79 21.45 -3.05
C LEU B 122 3.65 21.81 -3.98
N THR B 123 2.63 20.95 -4.06
CA THR B 123 1.50 21.24 -4.92
C THR B 123 0.57 22.21 -4.23
N MET B 124 1.01 23.47 -4.14
CA MET B 124 0.21 24.51 -3.51
C MET B 124 0.80 25.86 -3.89
N ASN B 125 0.03 26.92 -3.67
CA ASN B 125 0.50 28.27 -3.91
C ASN B 125 -0.10 29.15 -2.83
N LYS B 126 -0.16 30.47 -3.06
CA LYS B 126 -0.68 31.36 -2.03
C LYS B 126 -2.15 31.20 -1.68
N THR B 127 -2.92 30.46 -2.49
CA THR B 127 -4.33 30.27 -2.16
C THR B 127 -4.52 29.11 -1.18
N GLY B 128 -3.44 28.41 -0.87
CA GLY B 128 -3.52 27.32 0.09
C GLY B 128 -3.25 25.92 -0.44
N ILE B 129 -3.53 24.93 0.40
CA ILE B 129 -3.34 23.54 0.02
C ILE B 129 -4.68 23.05 -0.53
N PRO B 130 -4.72 22.70 -1.82
CA PRO B 130 -5.98 22.24 -2.41
C PRO B 130 -6.29 20.82 -1.97
N LYS B 131 -7.56 20.56 -1.68
CA LYS B 131 -7.97 19.23 -1.26
C LYS B 131 -8.13 18.30 -2.46
N ASP B 132 -8.81 18.78 -3.50
CA ASP B 132 -9.05 17.99 -4.70
C ASP B 132 -7.79 17.65 -5.50
N SER B 133 -7.65 16.39 -5.84
CA SER B 133 -6.49 15.91 -6.61
C SER B 133 -6.35 16.64 -7.94
N ASP B 134 -7.48 17.08 -8.51
CA ASP B 134 -7.48 17.81 -9.79
C ASP B 134 -6.60 19.05 -9.71
N THR B 135 -6.76 19.82 -8.62
CA THR B 135 -6.00 21.04 -8.43
C THR B 135 -4.57 20.74 -7.97
N ARG B 136 -4.40 19.69 -7.18
CA ARG B 136 -3.07 19.30 -6.74
C ARG B 136 -2.27 18.95 -8.00
N LEU B 137 -2.90 18.19 -8.90
CA LEU B 137 -2.24 17.78 -10.14
C LEU B 137 -1.95 19.00 -11.01
N ALA B 138 -2.84 19.98 -11.00
CA ALA B 138 -2.64 21.19 -11.78
C ALA B 138 -1.36 21.89 -11.35
N PHE B 139 -1.13 21.99 -10.04
CA PHE B 139 0.09 22.62 -9.56
C PHE B 139 1.29 21.74 -9.87
N ALA B 140 1.11 20.43 -9.79
CA ALA B 140 2.19 19.49 -10.11
C ALA B 140 2.66 19.73 -11.55
N MET B 141 1.70 19.94 -12.45
CA MET B 141 2.05 20.19 -13.85
C MET B 141 2.83 21.49 -14.01
N GLU B 142 2.49 22.51 -13.22
CA GLU B 142 3.21 23.78 -13.28
C GLU B 142 4.68 23.54 -12.91
N LEU B 143 4.89 22.70 -11.91
CA LEU B 143 6.24 22.38 -11.43
C LEU B 143 7.02 21.63 -12.52
N VAL B 144 6.37 20.67 -13.17
CA VAL B 144 7.01 19.91 -14.24
C VAL B 144 7.37 20.87 -15.38
N ALA B 145 6.48 21.82 -15.65
CA ALA B 145 6.72 22.79 -16.72
C ALA B 145 7.90 23.69 -16.37
N ALA B 146 7.94 24.14 -15.11
CA ALA B 146 9.02 25.01 -14.66
C ALA B 146 10.39 24.33 -14.74
N ALA B 147 10.40 23.02 -14.48
CA ALA B 147 11.64 22.25 -14.53
C ALA B 147 12.23 22.28 -15.93
N ASP B 148 11.36 22.14 -16.94
CA ASP B 148 11.79 22.17 -18.32
C ASP B 148 12.22 23.60 -18.69
N GLU B 149 11.48 24.56 -18.17
CA GLU B 149 11.75 25.97 -18.43
C GLU B 149 13.12 26.42 -17.93
N PHE B 150 13.46 26.02 -16.71
CA PHE B 150 14.73 26.43 -16.13
C PHE B 150 15.88 25.44 -16.26
N GLY B 151 15.63 24.30 -16.88
CA GLY B 151 16.67 23.32 -17.09
C GLY B 151 16.98 22.34 -15.97
N LEU B 152 16.01 22.07 -15.10
CA LEU B 152 16.22 21.12 -14.02
C LEU B 152 15.89 19.73 -14.54
N PRO B 153 16.86 18.81 -14.50
CA PRO B 153 16.59 17.46 -14.99
C PRO B 153 15.34 16.96 -14.26
N MET B 154 14.42 16.35 -15.00
CA MET B 154 13.18 15.87 -14.41
C MET B 154 13.36 14.94 -13.21
N GLU B 155 14.39 14.10 -13.22
CA GLU B 155 14.60 13.18 -12.10
C GLU B 155 15.13 13.89 -10.86
N ASP B 156 15.39 15.18 -10.97
CA ASP B 156 15.87 15.97 -9.85
C ASP B 156 14.71 16.77 -9.24
N LEU B 157 13.51 16.52 -9.75
CA LEU B 157 12.30 17.20 -9.29
C LEU B 157 11.45 16.22 -8.49
N TYR B 158 11.19 16.57 -7.23
CA TYR B 158 10.36 15.74 -6.35
C TYR B 158 9.08 16.50 -6.03
N ILE B 159 7.96 16.02 -6.57
CA ILE B 159 6.68 16.67 -6.32
C ILE B 159 6.03 16.15 -5.04
N ASP B 160 5.67 17.08 -4.16
CA ASP B 160 5.07 16.74 -2.88
C ASP B 160 3.60 17.13 -2.80
N PRO B 161 2.69 16.15 -2.89
CA PRO B 161 1.24 16.39 -2.83
C PRO B 161 0.76 16.90 -1.48
N LEU B 162 1.66 16.95 -0.50
CA LEU B 162 1.34 17.44 0.84
C LEU B 162 0.29 16.64 1.59
N ILE B 163 0.72 15.62 2.31
CA ILE B 163 -0.21 14.80 3.06
C ILE B 163 -0.53 15.44 4.42
N LEU B 164 -1.78 15.34 4.84
CA LEU B 164 -2.23 15.91 6.12
C LEU B 164 -2.72 14.80 7.08
N PRO B 165 -2.87 15.12 8.38
CA PRO B 165 -3.32 14.15 9.38
C PRO B 165 -4.61 13.41 9.02
N ALA B 166 -4.57 12.10 9.20
CA ALA B 166 -5.70 11.24 8.88
C ALA B 166 -6.88 11.35 9.85
N ASN B 167 -6.68 11.97 11.00
CA ASN B 167 -7.77 12.07 11.96
C ASN B 167 -8.57 13.36 11.87
N VAL B 168 -8.03 14.38 11.19
CA VAL B 168 -8.73 15.66 11.05
C VAL B 168 -8.89 16.10 9.60
N ALA B 169 -8.07 15.53 8.71
CA ALA B 169 -8.11 15.85 7.29
C ALA B 169 -8.10 14.55 6.51
N GLN B 170 -8.86 13.58 7.01
CA GLN B 170 -8.94 12.26 6.41
C GLN B 170 -9.26 12.21 4.91
N ASP B 171 -10.08 13.12 4.42
CA ASP B 171 -10.43 13.13 3.00
C ASP B 171 -9.29 13.56 2.07
N HIS B 172 -8.19 14.02 2.66
CA HIS B 172 -7.02 14.43 1.88
C HIS B 172 -6.21 13.21 1.48
N ALA B 173 -6.16 12.22 2.38
CA ALA B 173 -5.39 10.99 2.15
C ALA B 173 -5.63 10.34 0.77
N PRO B 174 -6.89 10.03 0.44
CA PRO B 174 -7.13 9.41 -0.87
C PRO B 174 -6.82 10.34 -2.04
N GLU B 175 -7.00 11.65 -1.85
CA GLU B 175 -6.71 12.61 -2.91
C GLU B 175 -5.19 12.64 -3.18
N VAL B 176 -4.41 12.39 -2.13
CA VAL B 176 -2.96 12.37 -2.26
C VAL B 176 -2.53 11.17 -3.09
N LEU B 177 -3.13 10.03 -2.81
CA LEU B 177 -2.80 8.81 -3.54
C LEU B 177 -3.17 8.96 -5.01
N LYS B 178 -4.31 9.56 -5.28
CA LYS B 178 -4.77 9.78 -6.65
C LYS B 178 -3.83 10.75 -7.37
N THR B 179 -3.37 11.77 -6.65
CA THR B 179 -2.46 12.74 -7.26
C THR B 179 -1.17 12.03 -7.65
N LEU B 180 -0.58 11.29 -6.72
CA LEU B 180 0.64 10.55 -6.98
C LEU B 180 0.48 9.68 -8.22
N GLN B 181 -0.66 8.99 -8.31
CA GLN B 181 -0.94 8.12 -9.44
C GLN B 181 -0.99 8.86 -10.77
N GLN B 182 -1.64 10.02 -10.78
CA GLN B 182 -1.75 10.80 -12.00
C GLN B 182 -0.42 11.48 -12.35
N ILE B 183 0.36 11.83 -11.34
CA ILE B 183 1.65 12.46 -11.57
C ILE B 183 2.53 11.51 -12.37
N LYS B 184 2.46 10.22 -12.05
CA LYS B 184 3.26 9.21 -12.74
C LYS B 184 2.81 8.97 -14.17
N MET B 185 1.67 9.54 -14.56
CA MET B 185 1.16 9.35 -15.91
C MET B 185 1.21 10.62 -16.75
N LEU B 186 2.15 11.50 -16.46
CA LEU B 186 2.26 12.75 -17.22
C LEU B 186 3.13 12.65 -18.47
N ALA B 187 4.35 12.15 -18.33
CA ALA B 187 5.25 12.00 -19.47
C ALA B 187 6.66 11.63 -19.03
N ASP B 188 7.26 10.65 -19.72
CA ASP B 188 8.61 10.23 -19.40
C ASP B 188 9.62 11.07 -20.15
N PRO B 189 10.74 11.42 -19.49
CA PRO B 189 11.04 11.05 -18.11
C PRO B 189 10.11 11.76 -17.14
N ALA B 190 9.39 10.99 -16.34
CA ALA B 190 8.47 11.56 -15.36
C ALA B 190 9.22 12.09 -14.14
N PRO B 191 8.60 13.04 -13.41
CA PRO B 191 9.26 13.59 -12.22
C PRO B 191 9.09 12.61 -11.07
N LYS B 192 9.85 12.82 -10.01
CA LYS B 192 9.74 11.95 -8.85
C LYS B 192 8.74 12.56 -7.88
N THR B 193 8.34 11.76 -6.89
CA THR B 193 7.40 12.22 -5.89
C THR B 193 7.94 11.98 -4.49
N VAL B 194 7.53 12.82 -3.54
CA VAL B 194 7.97 12.72 -2.16
C VAL B 194 6.86 13.19 -1.23
N LEU B 195 6.94 12.77 0.03
CA LEU B 195 5.95 13.15 1.04
C LEU B 195 6.57 13.30 2.42
N GLY B 196 5.96 14.14 3.25
CA GLY B 196 6.40 14.30 4.62
C GLY B 196 5.48 13.31 5.33
N LEU B 197 5.86 12.03 5.24
CA LEU B 197 5.08 10.92 5.79
C LEU B 197 4.50 11.06 7.18
N SER B 198 5.34 11.40 8.16
CA SER B 198 4.87 11.50 9.54
C SER B 198 3.66 12.42 9.76
N ASN B 199 3.42 13.34 8.84
CA ASN B 199 2.27 14.24 8.97
C ASN B 199 0.94 13.49 8.92
N VAL B 200 0.91 12.37 8.20
CA VAL B 200 -0.33 11.62 8.07
C VAL B 200 -0.86 11.05 9.38
N SER B 201 0.03 10.83 10.34
CA SER B 201 -0.38 10.26 11.63
C SER B 201 -0.34 11.23 12.81
N GLN B 202 -0.09 12.51 12.52
CA GLN B 202 -0.01 13.52 13.57
C GLN B 202 -1.26 13.49 14.48
N ASN B 203 -1.04 13.43 15.78
CA ASN B 203 -2.11 13.40 16.76
C ASN B 203 -3.00 12.17 16.72
N CYS B 204 -2.57 11.14 16.01
CA CYS B 204 -3.34 9.90 15.91
C CYS B 204 -2.79 8.85 16.86
N GLN B 205 -3.51 7.74 17.00
CA GLN B 205 -3.06 6.65 17.85
C GLN B 205 -2.51 5.58 16.92
N ASN B 206 -1.48 4.86 17.36
CA ASN B 206 -0.85 3.83 16.55
C ASN B 206 -0.17 4.52 15.36
N ARG B 207 0.57 5.59 15.65
CA ARG B 207 1.26 6.37 14.60
C ARG B 207 2.17 5.58 13.68
N PRO B 208 3.00 4.68 14.23
CA PRO B 208 3.89 3.91 13.35
C PRO B 208 3.12 3.07 12.32
N LEU B 209 2.02 2.46 12.77
CA LEU B 209 1.19 1.63 11.90
C LEU B 209 0.58 2.44 10.75
N ILE B 210 0.06 3.61 11.07
CA ILE B 210 -0.55 4.49 10.09
C ILE B 210 0.53 4.95 9.09
N ASN B 211 1.70 5.30 9.60
CA ASN B 211 2.79 5.77 8.75
C ASN B 211 3.21 4.73 7.72
N ARG B 212 3.54 3.52 8.19
CA ARG B 212 3.99 2.48 7.29
C ARG B 212 2.90 1.95 6.36
N THR B 213 1.64 1.97 6.82
CA THR B 213 0.57 1.50 5.95
C THR B 213 0.43 2.47 4.78
N PHE B 214 0.46 3.76 5.07
CA PHE B 214 0.31 4.77 4.02
C PHE B 214 1.51 4.75 3.07
N LEU B 215 2.71 4.50 3.60
CA LEU B 215 3.91 4.47 2.75
C LEU B 215 3.75 3.41 1.67
N ALA B 216 3.30 2.24 2.08
CA ALA B 216 3.10 1.13 1.17
C ALA B 216 2.10 1.54 0.09
N MET B 217 0.97 2.09 0.53
CA MET B 217 -0.08 2.53 -0.39
C MET B 217 0.45 3.56 -1.37
N ALA B 218 1.23 4.51 -0.88
CA ALA B 218 1.80 5.56 -1.71
C ALA B 218 2.80 5.01 -2.72
N MET B 219 3.59 4.03 -2.29
CA MET B 219 4.58 3.44 -3.18
C MET B 219 3.89 2.71 -4.34
N ALA B 220 2.73 2.12 -4.07
CA ALA B 220 1.98 1.43 -5.12
C ALA B 220 1.50 2.49 -6.10
N CYS B 221 1.44 3.73 -5.64
CA CYS B 221 1.01 4.84 -6.49
C CYS B 221 2.19 5.60 -7.06
N GLY B 222 3.39 5.04 -6.90
CA GLY B 222 4.57 5.67 -7.46
C GLY B 222 5.51 6.48 -6.58
N LEU B 223 5.22 6.60 -5.29
CA LEU B 223 6.09 7.39 -4.40
C LEU B 223 7.56 6.99 -4.57
N ASP B 224 8.43 7.97 -4.75
CA ASP B 224 9.86 7.72 -4.94
C ASP B 224 10.71 7.98 -3.72
N ALA B 225 10.28 8.92 -2.88
CA ALA B 225 11.01 9.28 -1.68
C ALA B 225 10.05 9.68 -0.57
N ALA B 226 10.56 9.69 0.66
CA ALA B 226 9.73 10.08 1.78
C ALA B 226 10.58 10.62 2.91
N ILE B 227 10.13 11.72 3.48
CA ILE B 227 10.80 12.30 4.63
C ILE B 227 10.06 11.60 5.76
N ALA B 228 10.75 10.70 6.44
CA ALA B 228 10.13 9.93 7.51
C ALA B 228 11.13 9.53 8.60
N ASP B 229 10.65 8.72 9.54
CA ASP B 229 11.46 8.24 10.65
C ASP B 229 12.37 7.10 10.19
N ALA B 230 13.60 7.45 9.82
CA ALA B 230 14.56 6.45 9.34
C ALA B 230 14.97 5.46 10.43
N CYS B 231 14.64 5.76 11.69
CA CYS B 231 14.99 4.88 12.80
C CYS B 231 13.86 3.92 13.19
N ASP B 232 12.73 4.04 12.49
CA ASP B 232 11.58 3.16 12.72
C ASP B 232 11.83 1.91 11.86
N GLU B 233 12.29 0.83 12.50
CA GLU B 233 12.59 -0.39 11.78
C GLU B 233 11.44 -0.97 10.98
N ALA B 234 10.23 -0.90 11.51
CA ALA B 234 9.05 -1.43 10.82
C ALA B 234 8.77 -0.60 9.56
N LEU B 235 9.04 0.69 9.63
CA LEU B 235 8.82 1.55 8.45
C LEU B 235 9.79 1.13 7.35
N ILE B 236 11.06 0.96 7.71
CA ILE B 236 12.10 0.55 6.78
C ILE B 236 11.76 -0.81 6.15
N GLU B 237 11.24 -1.73 6.97
CA GLU B 237 10.84 -3.05 6.48
C GLU B 237 9.83 -2.91 5.37
N THR B 238 8.83 -2.05 5.59
CA THR B 238 7.78 -1.79 4.60
C THR B 238 8.38 -1.22 3.32
N ALA B 239 9.25 -0.23 3.44
CA ALA B 239 9.88 0.37 2.28
C ALA B 239 10.60 -0.72 1.48
N ALA B 240 11.38 -1.53 2.17
CA ALA B 240 12.12 -2.61 1.52
C ALA B 240 11.19 -3.62 0.83
N THR B 241 10.10 -3.97 1.51
CA THR B 241 9.15 -4.94 0.97
C THR B 241 8.38 -4.38 -0.22
N ALA B 242 8.02 -3.10 -0.17
CA ALA B 242 7.28 -2.49 -1.27
C ALA B 242 8.09 -2.55 -2.57
N GLU B 243 9.38 -2.21 -2.51
CA GLU B 243 10.24 -2.24 -3.69
C GLU B 243 10.21 -3.61 -4.38
N ILE B 244 10.20 -4.65 -3.56
CA ILE B 244 10.16 -6.02 -4.08
C ILE B 244 8.82 -6.27 -4.78
N LEU B 245 7.73 -5.91 -4.13
CA LEU B 245 6.39 -6.12 -4.67
C LEU B 245 6.10 -5.30 -5.93
N LEU B 246 6.87 -4.23 -6.15
CA LEU B 246 6.69 -3.40 -7.33
C LEU B 246 7.71 -3.83 -8.39
N ASN B 247 8.49 -4.85 -8.06
CA ASN B 247 9.53 -5.39 -8.94
C ASN B 247 10.57 -4.34 -9.29
N GLN B 248 10.88 -3.47 -8.33
CA GLN B 248 11.88 -2.41 -8.53
C GLN B 248 13.23 -2.91 -8.06
N THR B 249 13.21 -3.93 -7.20
CA THR B 249 14.42 -4.53 -6.67
C THR B 249 14.22 -6.04 -6.66
N VAL B 250 15.18 -6.79 -7.20
CA VAL B 250 15.07 -8.23 -7.26
C VAL B 250 14.96 -8.86 -5.87
N TYR B 251 14.11 -9.86 -5.76
CA TYR B 251 13.89 -10.51 -4.49
C TYR B 251 15.06 -11.40 -4.09
N CYS B 252 15.37 -11.33 -2.81
CA CYS B 252 16.29 -12.24 -2.17
C CYS B 252 15.91 -12.32 -0.70
N ASP B 253 16.24 -13.43 -0.03
CA ASP B 253 15.75 -13.64 1.34
C ASP B 253 16.14 -12.48 2.27
N SER B 254 17.30 -11.87 2.03
CA SER B 254 17.79 -10.78 2.87
C SER B 254 17.41 -9.42 2.30
N PHE B 255 16.26 -9.33 1.64
CA PHE B 255 15.87 -8.06 1.04
C PHE B 255 15.83 -6.87 2.01
N VAL B 256 15.49 -7.11 3.27
CA VAL B 256 15.46 -6.01 4.23
C VAL B 256 16.88 -5.50 4.51
N LYS B 257 17.77 -6.38 4.96
CA LYS B 257 19.15 -5.97 5.22
C LYS B 257 19.76 -5.37 3.96
N MET B 258 19.46 -5.97 2.81
CA MET B 258 19.99 -5.49 1.54
C MET B 258 19.57 -4.05 1.26
N PHE B 259 18.36 -3.69 1.65
CA PHE B 259 17.87 -2.33 1.45
C PHE B 259 18.64 -1.37 2.35
N LYS B 260 18.83 -1.76 3.60
CA LYS B 260 19.52 -0.93 4.60
C LYS B 260 21.01 -0.73 4.33
N THR B 261 21.69 -1.79 3.92
CA THR B 261 23.13 -1.73 3.66
C THR B 261 23.45 -1.37 2.22
N ARG B 262 22.40 -1.10 1.44
CA ARG B 262 22.55 -0.75 0.04
C ARG B 262 23.56 0.37 -0.18
CA CA C . -13.21 -1.75 -4.96
N1 C2F D . -9.01 -18.68 -4.34
C2 C2F D . -8.90 -17.57 -5.15
NA2 C2F D . -10.04 -17.01 -5.63
N3 C2F D . -7.68 -17.04 -5.46
C4 C2F D . -6.50 -17.55 -5.00
O4 C2F D . -5.41 -17.03 -5.31
C4A C2F D . -6.54 -18.76 -4.13
N5 C2F D . -5.34 -19.38 -3.59
C6 C2F D . -5.60 -20.15 -2.32
C7 C2F D . -6.88 -21.06 -2.43
N8 C2F D . -8.05 -20.39 -3.02
C8A C2F D . -7.92 -19.29 -3.82
C9 C2F D . -5.76 -19.14 -1.15
N10 C2F D . -5.57 -19.76 0.15
C11 C2F D . -4.73 -20.24 -4.62
C12 C2F D . -1.87 -20.82 1.85
C13 C2F D . -3.10 -21.30 2.40
C14 C2F D . -4.33 -20.92 1.82
C15 C2F D . -4.35 -20.08 0.68
C16 C2F D . -3.10 -19.61 0.12
C17 C2F D . -1.88 -19.98 0.70
C C2F D . -0.58 -21.23 2.49
O C2F D . 0.31 -20.40 2.58
N C2F D . -0.48 -22.50 2.92
CA C2F D . 0.65 -23.16 3.57
CB C2F D . 0.28 -24.64 3.74
CG C2F D . 0.58 -25.05 5.19
CD C2F D . 0.48 -26.56 5.39
OE1 C2F D . 0.19 -27.23 4.37
OE2 C2F D . 0.67 -27.10 6.51
CT C2F D . 1.89 -23.05 2.71
O1 C2F D . 1.79 -23.23 1.48
O2 C2F D . 2.97 -22.77 3.25
CA CA E . 7.84 7.05 -9.26
N1 C2F F . 8.84 18.94 3.74
C2 C2F F . 8.05 18.53 2.70
NA2 C2F F . 8.52 18.66 1.44
N3 C2F F . 6.81 17.99 2.92
C4 C2F F . 6.29 17.82 4.16
O4 C2F F . 5.14 17.32 4.32
C4A C2F F . 7.08 18.24 5.34
N5 C2F F . 6.60 18.10 6.69
C6 C2F F . 7.72 18.03 7.69
C7 C2F F . 8.82 19.11 7.46
N8 C2F F . 9.23 19.23 6.05
C8A C2F F . 8.44 18.83 5.03
C9 C2F F . 8.35 16.60 7.63
N10 C2F F . 8.95 16.19 8.88
C11 C2F F . 5.67 19.22 7.01
C12 C2F F . 6.93 15.23 12.45
C13 C2F F . 8.32 15.54 12.45
C14 C2F F . 8.98 15.86 11.24
C15 C2F F . 8.25 15.87 10.02
C16 C2F F . 6.85 15.56 10.02
C17 C2F F . 6.20 15.25 11.24
C C2F F . 6.26 14.91 13.74
O C2F F . 5.54 13.91 13.82
N C2F F . 6.50 15.75 14.76
CA C2F F . 6.00 15.69 16.13
CB C2F F . 6.66 16.76 16.99
CG C2F F . 7.49 16.04 18.05
CD C2F F . 8.22 17.02 18.97
OE1 C2F F . 8.02 18.25 18.73
OE2 C2F F . 8.95 16.65 19.91
CT C2F F . 4.49 15.83 16.13
O1 C2F F . 3.96 16.80 15.53
O2 C2F F . 3.82 14.99 16.76
#